data_7PV1
#
_entry.id   7PV1
#
_cell.length_a   58.197
_cell.length_b   85.371
_cell.length_c   61.497
_cell.angle_alpha   90.000
_cell.angle_beta   101.720
_cell.angle_gamma   90.000
#
_symmetry.space_group_name_H-M   'P 1 21 1'
#
loop_
_entity.id
_entity.type
_entity.pdbx_description
1 polymer 'MICOS complex subunit MIC60 fused to MIC19'
2 non-polymer 'TETRAETHYLENE GLYCOL'
3 water water
#
_entity_poly.entity_id   1
_entity_poly.type   'polypeptide(L)'
_entity_poly.pdbx_seq_one_letter_code
;GPTRAELIDRFRRVANEVRKASLLGSGDDVESILARTQAFLEEGDLDNAAREMNALTGWSKTLSRDWLAEVRKVLEVRQA
LEVIQAEARLQSLRLEGSGSRPLPESVEKARSEVVRCLREHDRRPLNCWQEVEAFKEEVRKLEKGWVDK
;
_entity_poly.pdbx_strand_id   A,B,C,D
#
loop_
_chem_comp.id
_chem_comp.type
_chem_comp.name
_chem_comp.formula
PG4 non-polymer 'TETRAETHYLENE GLYCOL' 'C8 H18 O5'
#
# COMPACT_ATOMS: atom_id res chain seq x y z
N THR A 3 22.65 -19.39 20.65
CA THR A 3 21.45 -19.02 19.92
C THR A 3 21.49 -19.54 18.49
N ARG A 4 22.67 -20.00 18.06
CA ARG A 4 22.78 -20.58 16.73
C ARG A 4 21.93 -21.84 16.61
N ALA A 5 21.82 -22.61 17.69
CA ALA A 5 20.93 -23.77 17.68
C ALA A 5 19.48 -23.34 17.55
N GLU A 6 19.05 -22.36 18.36
CA GLU A 6 17.70 -21.84 18.24
C GLU A 6 17.47 -21.20 16.87
N LEU A 7 18.52 -20.64 16.27
CA LEU A 7 18.38 -20.04 14.95
C LEU A 7 18.03 -21.11 13.91
N ILE A 8 18.63 -22.29 14.03
CA ILE A 8 18.38 -23.37 13.08
C ILE A 8 16.93 -23.83 13.15
N ASP A 9 16.39 -23.93 14.37
CA ASP A 9 15.02 -24.40 14.54
C ASP A 9 14.01 -23.43 13.93
N ARG A 10 14.25 -22.13 14.08
CA ARG A 10 13.33 -21.14 13.53
C ARG A 10 13.26 -21.21 12.01
N PHE A 11 14.42 -21.32 11.36
CA PHE A 11 14.43 -21.36 9.90
C PHE A 11 13.74 -22.61 9.37
N ARG A 12 13.92 -23.73 10.05
CA ARG A 12 13.17 -24.94 9.69
C ARG A 12 11.66 -24.67 9.75
N ARG A 13 11.21 -23.88 10.72
CA ARG A 13 9.79 -23.58 10.79
C ARG A 13 9.37 -22.68 9.64
N VAL A 14 10.17 -21.65 9.35
CA VAL A 14 9.87 -20.69 8.30
C VAL A 14 9.91 -21.35 6.92
N ALA A 15 10.90 -22.24 6.70
CA ALA A 15 11.02 -22.88 5.39
C ALA A 15 9.75 -23.64 5.03
N ASN A 16 9.13 -24.30 6.00
CA ASN A 16 7.88 -24.99 5.74
C ASN A 16 6.78 -24.00 5.35
N GLU A 17 6.74 -22.83 6.00
CA GLU A 17 5.78 -21.81 5.61
C GLU A 17 6.08 -21.26 4.23
N VAL A 18 7.36 -21.21 3.84
CA VAL A 18 7.70 -20.77 2.49
C VAL A 18 7.07 -21.68 1.45
N ARG A 19 7.20 -23.00 1.67
CA ARG A 19 6.68 -23.98 0.71
C ARG A 19 5.16 -23.90 0.58
N LYS A 20 4.46 -23.52 1.67
CA LYS A 20 3.01 -23.44 1.62
C LYS A 20 2.53 -22.24 0.80
N ALA A 21 3.34 -21.19 0.70
CA ALA A 21 2.98 -19.96 -0.01
C ALA A 21 3.26 -20.12 -1.49
N SER A 22 2.22 -20.41 -2.28
CA SER A 22 2.43 -20.72 -3.69
C SER A 22 3.05 -19.56 -4.45
N LEU A 23 2.75 -18.32 -4.05
CA LEU A 23 3.35 -17.18 -4.74
C LEU A 23 4.86 -17.17 -4.56
N LEU A 24 5.33 -17.52 -3.36
CA LEU A 24 6.76 -17.52 -3.08
C LEU A 24 7.41 -18.89 -3.26
N GLY A 25 6.67 -19.97 -3.05
CA GLY A 25 7.23 -21.30 -3.15
C GLY A 25 7.08 -22.01 -4.47
N SER A 26 6.54 -21.35 -5.49
CA SER A 26 6.35 -22.02 -6.77
C SER A 26 7.66 -22.18 -7.52
N GLY A 27 8.66 -21.36 -7.23
CA GLY A 27 9.93 -21.44 -7.91
C GLY A 27 10.62 -22.78 -7.72
N ASP A 28 11.22 -23.31 -8.80
CA ASP A 28 12.01 -24.52 -8.70
C ASP A 28 13.35 -24.28 -8.03
N ASP A 29 13.81 -23.01 -8.01
CA ASP A 29 15.06 -22.62 -7.37
C ASP A 29 14.91 -22.50 -5.86
N VAL A 30 13.74 -22.07 -5.37
CA VAL A 30 13.57 -21.79 -3.95
C VAL A 30 13.87 -23.01 -3.10
N GLU A 31 13.57 -24.21 -3.60
CA GLU A 31 13.84 -25.40 -2.80
C GLU A 31 15.33 -25.57 -2.54
N SER A 32 16.16 -25.25 -3.54
CA SER A 32 17.60 -25.37 -3.36
C SER A 32 18.14 -24.30 -2.42
N ILE A 33 17.52 -23.12 -2.40
CA ILE A 33 17.96 -22.06 -1.49
C ILE A 33 17.70 -22.45 -0.03
N LEU A 34 16.53 -23.04 0.25
CA LEU A 34 16.20 -23.42 1.62
C LEU A 34 17.12 -24.52 2.14
N ALA A 35 17.41 -25.53 1.32
CA ALA A 35 18.30 -26.60 1.75
C ALA A 35 19.70 -26.06 2.02
N ARG A 36 20.21 -25.25 1.09
CA ARG A 36 21.54 -24.65 1.26
C ARG A 36 21.56 -23.69 2.44
N THR A 37 20.49 -22.90 2.62
CA THR A 37 20.42 -22.03 3.79
C THR A 37 20.34 -22.85 5.07
N GLN A 38 19.54 -23.92 5.05
CA GLN A 38 19.50 -24.84 6.19
C GLN A 38 20.85 -25.48 6.43
N ALA A 39 21.54 -25.91 5.37
CA ALA A 39 22.83 -26.54 5.55
C ALA A 39 23.82 -25.57 6.19
N PHE A 40 23.82 -24.32 5.73
CA PHE A 40 24.76 -23.33 6.28
C PHE A 40 24.57 -23.17 7.78
N LEU A 41 23.32 -23.23 8.26
CA LEU A 41 23.08 -23.06 9.68
C LEU A 41 23.67 -24.22 10.48
N GLU A 42 23.53 -25.45 9.98
CA GLU A 42 24.06 -26.60 10.70
C GLU A 42 25.59 -26.51 10.80
N GLU A 43 26.25 -26.06 9.74
CA GLU A 43 27.70 -25.92 9.77
C GLU A 43 28.17 -24.65 10.50
N GLY A 44 27.24 -23.80 10.94
CA GLY A 44 27.60 -22.61 11.66
C GLY A 44 28.07 -21.45 10.82
N ASP A 45 27.86 -21.50 9.50
CA ASP A 45 28.29 -20.43 8.60
C ASP A 45 27.17 -19.40 8.46
N LEU A 46 26.97 -18.66 9.56
CA LEU A 46 25.88 -17.68 9.61
C LEU A 46 26.00 -16.64 8.51
N ASP A 47 27.21 -16.14 8.24
CA ASP A 47 27.37 -15.12 7.21
C ASP A 47 26.86 -15.63 5.87
N ASN A 48 27.28 -16.83 5.48
CA ASN A 48 26.80 -17.40 4.22
C ASN A 48 25.31 -17.71 4.27
N ALA A 49 24.81 -18.14 5.44
CA ALA A 49 23.39 -18.42 5.58
C ALA A 49 22.56 -17.17 5.31
N ALA A 50 22.95 -16.03 5.89
CA ALA A 50 22.24 -14.79 5.63
C ALA A 50 22.36 -14.38 4.17
N ARG A 51 23.50 -14.69 3.54
CA ARG A 51 23.68 -14.39 2.13
C ARG A 51 22.67 -15.15 1.27
N GLU A 52 22.52 -16.45 1.53
CA GLU A 52 21.51 -17.24 0.82
C GLU A 52 20.11 -16.70 1.07
N MET A 53 19.80 -16.33 2.31
CA MET A 53 18.46 -15.85 2.65
C MET A 53 18.07 -14.60 1.89
N ASN A 54 19.05 -13.80 1.46
CA ASN A 54 18.72 -12.57 0.75
C ASN A 54 17.97 -12.86 -0.54
N ALA A 55 18.20 -14.02 -1.16
CA ALA A 55 17.51 -14.37 -2.39
C ALA A 55 16.00 -14.37 -2.22
N LEU A 56 15.52 -14.65 -1.02
CA LEU A 56 14.09 -14.71 -0.75
C LEU A 56 13.51 -13.39 -0.27
N THR A 57 14.35 -12.46 0.16
CA THR A 57 13.90 -11.19 0.71
C THR A 57 14.20 -10.00 -0.17
N GLY A 58 15.27 -10.06 -0.96
CA GLY A 58 15.65 -8.90 -1.75
C GLY A 58 14.61 -8.58 -2.80
N TRP A 59 14.35 -7.28 -2.96
CA TRP A 59 13.41 -6.80 -3.97
C TRP A 59 14.00 -6.98 -5.37
N SER A 60 15.33 -6.87 -5.49
CA SER A 60 15.99 -7.05 -6.78
C SER A 60 15.89 -8.49 -7.26
N LYS A 61 15.98 -9.46 -6.34
CA LYS A 61 16.04 -10.87 -6.74
C LYS A 61 14.84 -11.28 -7.56
N THR A 62 15.09 -12.25 -8.45
CA THR A 62 14.06 -12.70 -9.38
C THR A 62 12.82 -13.21 -8.66
N LEU A 63 12.99 -13.89 -7.53
CA LEU A 63 11.85 -14.49 -6.84
C LEU A 63 10.83 -13.42 -6.43
N SER A 64 11.30 -12.30 -5.89
CA SER A 64 10.40 -11.22 -5.51
C SER A 64 9.82 -10.52 -6.73
N ARG A 65 10.62 -10.41 -7.79
CA ARG A 65 10.12 -9.84 -9.04
C ARG A 65 9.02 -10.71 -9.63
N ASP A 66 9.14 -12.03 -9.45
CA ASP A 66 8.17 -12.95 -10.03
C ASP A 66 6.76 -12.74 -9.48
N TRP A 67 6.63 -12.78 -8.15
CA TRP A 67 5.31 -12.66 -7.52
C TRP A 67 4.77 -11.24 -7.47
N LEU A 68 5.64 -10.22 -7.34
CA LEU A 68 5.14 -8.85 -7.38
C LEU A 68 4.44 -8.53 -8.70
N ALA A 69 4.97 -9.03 -9.81
CA ALA A 69 4.29 -8.79 -11.09
C ALA A 69 2.89 -9.36 -11.08
N GLU A 70 2.71 -10.51 -10.43
N GLU A 70 2.70 -10.51 -10.42
CA GLU A 70 1.38 -11.12 -10.37
CA GLU A 70 1.38 -11.11 -10.38
C GLU A 70 0.40 -10.25 -9.59
C GLU A 70 0.40 -10.25 -9.59
N VAL A 71 0.82 -9.78 -8.41
CA VAL A 71 -0.05 -8.90 -7.63
C VAL A 71 -0.36 -7.62 -8.41
N ARG A 72 0.61 -7.13 -9.18
CA ARG A 72 0.40 -5.87 -9.89
C ARG A 72 -0.62 -6.03 -11.01
N LYS A 73 -0.56 -7.13 -11.76
CA LYS A 73 -1.48 -7.30 -12.87
C LYS A 73 -2.89 -7.67 -12.40
N VAL A 74 -3.01 -8.37 -11.28
CA VAL A 74 -4.34 -8.60 -10.72
C VAL A 74 -5.00 -7.26 -10.41
N LEU A 75 -4.22 -6.33 -9.86
CA LEU A 75 -4.72 -4.99 -9.58
C LEU A 75 -5.03 -4.24 -10.86
N GLU A 76 -4.18 -4.38 -11.88
CA GLU A 76 -4.41 -3.69 -13.15
C GLU A 76 -5.70 -4.16 -13.80
N VAL A 77 -5.87 -5.49 -13.91
CA VAL A 77 -7.08 -6.03 -14.51
C VAL A 77 -8.30 -5.67 -13.67
N ARG A 78 -8.15 -5.68 -12.35
CA ARG A 78 -9.24 -5.30 -11.47
C ARG A 78 -9.67 -3.87 -11.74
N GLN A 79 -8.69 -2.97 -11.89
CA GLN A 79 -9.00 -1.57 -12.19
C GLN A 79 -9.66 -1.44 -13.57
N ALA A 80 -9.20 -2.25 -14.53
CA ALA A 80 -9.80 -2.20 -15.87
C ALA A 80 -11.26 -2.63 -15.84
N LEU A 81 -11.59 -3.64 -15.03
CA LEU A 81 -12.97 -4.08 -14.93
C LEU A 81 -13.87 -3.00 -14.32
N GLU A 82 -13.35 -2.28 -13.33
CA GLU A 82 -14.15 -1.25 -12.68
C GLU A 82 -14.49 -0.12 -13.65
N VAL A 83 -13.60 0.19 -14.59
CA VAL A 83 -13.88 1.22 -15.57
C VAL A 83 -15.03 0.78 -16.48
N ILE A 84 -15.01 -0.48 -16.93
CA ILE A 84 -16.10 -0.99 -17.75
C ILE A 84 -17.40 -1.03 -16.95
N GLN A 85 -17.31 -1.45 -15.69
CA GLN A 85 -18.48 -1.52 -14.83
C GLN A 85 -19.09 -0.12 -14.64
N ALA A 86 -18.25 0.88 -14.38
CA ALA A 86 -18.75 2.24 -14.24
C ALA A 86 -19.31 2.76 -15.57
N GLU A 87 -18.68 2.39 -16.68
CA GLU A 87 -19.19 2.78 -17.98
C GLU A 87 -20.54 2.13 -18.26
N ALA A 88 -20.70 0.86 -17.87
CA ALA A 88 -21.98 0.19 -18.08
C ALA A 88 -23.09 0.86 -17.29
N ARG A 89 -22.84 1.15 -16.02
CA ARG A 89 -23.85 1.81 -15.19
C ARG A 89 -24.15 3.20 -15.71
N LEU A 90 -23.12 3.93 -16.16
CA LEU A 90 -23.38 5.25 -16.75
C LEU A 90 -24.29 5.14 -17.96
N GLN A 91 -24.00 4.20 -18.86
CA GLN A 91 -24.88 3.99 -20.00
C GLN A 91 -26.22 3.39 -19.61
N SER A 92 -26.28 2.67 -18.48
CA SER A 92 -27.56 2.15 -18.02
C SER A 92 -28.54 3.30 -17.80
N LEU A 93 -28.03 4.42 -17.31
CA LEU A 93 -28.80 5.64 -17.09
C LEU A 93 -28.87 6.41 -18.41
N ARG A 94 -29.91 6.17 -19.21
CA ARG A 94 -30.08 6.92 -20.45
C ARG A 94 -29.84 8.41 -20.20
N LEU A 95 -28.92 9.00 -20.96
CA LEU A 95 -28.64 10.43 -20.83
C LEU A 95 -28.55 11.11 -22.19
N LEU A 103 -25.17 14.82 -20.12
CA LEU A 103 -24.48 14.48 -18.88
C LEU A 103 -23.72 15.69 -18.32
N PRO A 104 -23.72 15.82 -16.99
CA PRO A 104 -23.05 16.95 -16.34
C PRO A 104 -21.57 17.02 -16.71
N GLU A 105 -21.04 18.25 -16.74
CA GLU A 105 -19.63 18.44 -17.08
C GLU A 105 -18.72 17.67 -16.13
N SER A 106 -19.12 17.52 -14.87
CA SER A 106 -18.32 16.75 -13.93
C SER A 106 -18.18 15.31 -14.39
N VAL A 107 -19.25 14.75 -14.97
CA VAL A 107 -19.20 13.39 -15.50
C VAL A 107 -18.27 13.32 -16.70
N GLU A 108 -18.39 14.28 -17.62
CA GLU A 108 -17.56 14.27 -18.83
C GLU A 108 -16.10 14.51 -18.50
N LYS A 109 -15.82 15.44 -17.59
CA LYS A 109 -14.44 15.68 -17.18
C LYS A 109 -13.78 14.39 -16.70
N ALA A 110 -14.52 13.57 -15.94
CA ALA A 110 -13.93 12.41 -15.30
C ALA A 110 -13.71 11.27 -16.28
N ARG A 111 -14.70 10.97 -17.12
CA ARG A 111 -14.56 9.87 -18.07
C ARG A 111 -13.44 10.11 -19.06
N SER A 112 -13.32 11.34 -19.57
CA SER A 112 -12.24 11.65 -20.49
C SER A 112 -10.88 11.57 -19.80
N GLU A 113 -10.82 11.94 -18.52
CA GLU A 113 -9.55 11.87 -17.79
C GLU A 113 -9.09 10.42 -17.66
N VAL A 114 -10.02 9.51 -17.36
CA VAL A 114 -9.67 8.10 -17.17
C VAL A 114 -9.21 7.48 -18.49
N VAL A 115 -9.95 7.73 -19.56
CA VAL A 115 -9.60 7.14 -20.86
C VAL A 115 -8.28 7.69 -21.36
N ARG A 116 -8.09 9.02 -21.27
CA ARG A 116 -6.80 9.60 -21.63
C ARG A 116 -5.68 8.99 -20.81
N CYS A 117 -5.86 8.92 -19.49
CA CYS A 117 -4.82 8.44 -18.60
C CYS A 117 -4.42 7.01 -18.93
N LEU A 118 -5.40 6.14 -19.18
CA LEU A 118 -5.12 4.73 -19.39
C LEU A 118 -4.22 4.49 -20.60
N ARG A 119 -4.45 5.23 -21.70
CA ARG A 119 -3.58 5.08 -22.85
C ARG A 119 -2.20 5.67 -22.58
N GLU A 120 -2.15 6.80 -21.85
CA GLU A 120 -0.86 7.41 -21.54
C GLU A 120 -0.04 6.54 -20.61
N HIS A 121 -0.69 5.76 -19.75
CA HIS A 121 0.02 4.85 -18.87
C HIS A 121 -0.39 3.42 -19.22
N ASP A 122 -0.18 3.06 -20.48
CA ASP A 122 -0.53 1.73 -20.95
C ASP A 122 0.30 0.66 -20.26
N ARG A 123 1.58 0.96 -20.00
CA ARG A 123 2.46 0.01 -19.34
C ARG A 123 2.09 -0.14 -17.87
N ARG A 124 1.74 0.96 -17.20
CA ARG A 124 1.44 0.96 -15.77
C ARG A 124 0.11 1.66 -15.55
N PRO A 125 -1.01 0.97 -15.75
CA PRO A 125 -2.32 1.62 -15.63
C PRO A 125 -2.66 2.07 -14.21
N LEU A 126 -2.01 1.53 -13.19
CA LEU A 126 -2.34 1.90 -11.81
C LEU A 126 -2.07 3.36 -11.51
N ASN A 127 -1.30 4.05 -12.35
CA ASN A 127 -1.06 5.49 -12.20
C ASN A 127 -2.35 6.29 -12.39
N CYS A 128 -3.43 5.61 -12.75
CA CYS A 128 -4.72 6.24 -12.99
C CYS A 128 -5.75 5.87 -11.93
N TRP A 129 -5.32 5.38 -10.76
CA TRP A 129 -6.27 4.92 -9.76
C TRP A 129 -7.13 6.08 -9.25
N GLN A 130 -6.52 7.25 -9.06
CA GLN A 130 -7.31 8.41 -8.63
C GLN A 130 -8.30 8.81 -9.71
N GLU A 131 -7.86 8.82 -10.97
CA GLU A 131 -8.78 9.16 -12.05
C GLU A 131 -9.93 8.17 -12.14
N VAL A 132 -9.66 6.89 -11.89
CA VAL A 132 -10.74 5.90 -11.90
C VAL A 132 -11.72 6.16 -10.76
N GLU A 133 -11.22 6.51 -9.57
CA GLU A 133 -12.11 6.82 -8.46
C GLU A 133 -13.00 8.03 -8.78
N ALA A 134 -12.41 9.08 -9.35
CA ALA A 134 -13.22 10.24 -9.71
C ALA A 134 -14.31 9.83 -10.70
N PHE A 135 -13.98 8.97 -11.66
CA PHE A 135 -14.99 8.49 -12.60
C PHE A 135 -16.03 7.65 -11.90
N LYS A 136 -15.62 6.77 -10.98
CA LYS A 136 -16.58 5.96 -10.23
C LYS A 136 -17.45 6.84 -9.35
N GLU A 137 -16.86 7.84 -8.69
CA GLU A 137 -17.65 8.70 -7.81
C GLU A 137 -18.63 9.54 -8.59
N GLU A 138 -18.27 9.95 -9.81
CA GLU A 138 -19.21 10.71 -10.64
C GLU A 138 -20.37 9.83 -11.08
N VAL A 139 -20.11 8.57 -11.40
CA VAL A 139 -21.20 7.68 -11.78
C VAL A 139 -22.13 7.45 -10.59
N ARG A 140 -21.56 7.30 -9.39
CA ARG A 140 -22.39 7.18 -8.19
C ARG A 140 -23.22 8.43 -7.97
N LYS A 141 -22.64 9.61 -8.21
CA LYS A 141 -23.39 10.84 -8.00
C LYS A 141 -24.63 10.89 -8.91
N LEU A 142 -24.46 10.49 -10.17
CA LEU A 142 -25.60 10.50 -11.08
C LEU A 142 -26.69 9.53 -10.63
N GLU A 143 -26.29 8.34 -10.15
CA GLU A 143 -27.25 7.34 -9.71
C GLU A 143 -28.09 7.82 -8.53
N LYS A 144 -27.53 8.69 -7.68
CA LYS A 144 -28.22 9.13 -6.47
C LYS A 144 -28.85 10.51 -6.61
N GLY A 145 -28.20 11.42 -7.32
CA GLY A 145 -28.78 12.74 -7.55
C GLY A 145 -28.42 13.79 -6.52
N THR B 3 -22.44 4.02 -27.67
CA THR B 3 -22.77 2.86 -28.49
C THR B 3 -22.41 1.57 -27.76
N ARG B 4 -23.40 0.70 -27.57
CA ARG B 4 -23.19 -0.53 -26.82
C ARG B 4 -22.21 -1.47 -27.53
N ALA B 5 -22.19 -1.45 -28.86
CA ALA B 5 -21.25 -2.29 -29.59
C ALA B 5 -19.81 -1.93 -29.26
N GLU B 6 -19.54 -0.65 -29.00
CA GLU B 6 -18.18 -0.24 -28.63
C GLU B 6 -17.80 -0.80 -27.26
N LEU B 7 -18.78 -0.93 -26.36
CA LEU B 7 -18.49 -1.44 -25.02
C LEU B 7 -18.09 -2.91 -25.05
N ILE B 8 -18.71 -3.70 -25.92
CA ILE B 8 -18.41 -5.13 -25.97
C ILE B 8 -16.95 -5.35 -26.35
N ASP B 9 -16.42 -4.53 -27.26
CA ASP B 9 -15.02 -4.67 -27.63
C ASP B 9 -14.11 -4.38 -26.43
N ARG B 10 -14.46 -3.37 -25.63
CA ARG B 10 -13.65 -3.04 -24.46
C ARG B 10 -13.63 -4.19 -23.47
N PHE B 11 -14.81 -4.76 -23.17
CA PHE B 11 -14.84 -5.88 -22.24
C PHE B 11 -14.13 -7.10 -22.81
N ARG B 12 -14.29 -7.34 -24.12
CA ARG B 12 -13.65 -8.49 -24.73
C ARG B 12 -12.15 -8.46 -24.52
N ARG B 13 -11.54 -7.29 -24.58
CA ARG B 13 -10.11 -7.20 -24.37
C ARG B 13 -9.78 -7.24 -22.89
N VAL B 14 -10.60 -6.62 -22.05
CA VAL B 14 -10.38 -6.70 -20.61
C VAL B 14 -10.54 -8.14 -20.15
N ALA B 15 -11.52 -8.85 -20.71
CA ALA B 15 -11.68 -10.27 -20.39
C ALA B 15 -10.42 -11.05 -20.78
N ASN B 16 -9.80 -10.67 -21.90
CA ASN B 16 -8.57 -11.34 -22.31
C ASN B 16 -7.45 -11.13 -21.30
N GLU B 17 -7.32 -9.90 -20.77
CA GLU B 17 -6.31 -9.64 -19.75
C GLU B 17 -6.64 -10.33 -18.44
N VAL B 18 -7.91 -10.49 -18.11
CA VAL B 18 -8.30 -11.17 -16.87
C VAL B 18 -7.79 -12.61 -16.89
N ARG B 19 -8.00 -13.30 -18.02
CA ARG B 19 -7.63 -14.71 -18.10
C ARG B 19 -6.13 -14.91 -17.96
N LYS B 20 -5.33 -13.94 -18.40
CA LYS B 20 -3.89 -14.05 -18.32
C LYS B 20 -3.35 -13.88 -16.90
N ALA B 21 -4.09 -13.20 -16.03
CA ALA B 21 -3.68 -12.96 -14.65
C ALA B 21 -4.05 -14.17 -13.79
N SER B 22 -3.08 -15.04 -13.54
CA SER B 22 -3.35 -16.31 -12.88
C SER B 22 -3.84 -16.12 -11.44
N LEU B 23 -3.38 -15.08 -10.75
CA LEU B 23 -3.81 -14.85 -9.36
C LEU B 23 -5.30 -14.58 -9.25
N LEU B 24 -5.92 -13.99 -10.27
CA LEU B 24 -7.31 -13.57 -10.15
C LEU B 24 -8.28 -14.75 -10.14
N GLY B 25 -7.94 -15.86 -10.79
CA GLY B 25 -8.87 -16.98 -10.81
C GLY B 25 -8.18 -18.27 -11.21
N SER B 26 -8.90 -19.37 -10.97
CA SER B 26 -8.48 -20.70 -11.38
C SER B 26 -9.23 -21.18 -12.60
N GLY B 27 -9.73 -20.26 -13.42
CA GLY B 27 -10.54 -20.65 -14.56
C GLY B 27 -11.77 -21.47 -14.22
N ASP B 28 -12.37 -21.22 -13.06
CA ASP B 28 -13.59 -21.92 -12.68
C ASP B 28 -14.74 -20.91 -12.72
N ASP B 29 -14.95 -20.13 -11.68
CA ASP B 29 -15.97 -19.07 -11.71
C ASP B 29 -15.59 -17.96 -12.67
N VAL B 30 -14.28 -17.66 -12.79
CA VAL B 30 -13.87 -16.50 -13.59
C VAL B 30 -14.33 -16.64 -15.03
N GLU B 31 -14.23 -17.83 -15.61
CA GLU B 31 -14.67 -17.99 -16.98
C GLU B 31 -16.18 -17.83 -17.10
N SER B 32 -16.93 -18.35 -16.12
CA SER B 32 -18.38 -18.24 -16.15
C SER B 32 -18.85 -16.82 -15.87
N ILE B 33 -18.09 -16.08 -15.06
CA ILE B 33 -18.43 -14.68 -14.81
C ILE B 33 -18.26 -13.84 -16.07
N LEU B 34 -17.14 -14.07 -16.79
CA LEU B 34 -16.91 -13.34 -18.04
C LEU B 34 -17.94 -13.70 -19.10
N ALA B 35 -18.25 -15.00 -19.23
CA ALA B 35 -19.21 -15.43 -20.24
C ALA B 35 -20.58 -14.79 -19.99
N ARG B 36 -21.04 -14.81 -18.74
CA ARG B 36 -22.33 -14.22 -18.42
C ARG B 36 -22.32 -12.72 -18.68
N THR B 37 -21.22 -12.05 -18.31
CA THR B 37 -21.12 -10.60 -18.56
C THR B 37 -21.09 -10.30 -20.05
N GLN B 38 -20.38 -11.11 -20.83
CA GLN B 38 -20.31 -10.91 -22.26
C GLN B 38 -21.71 -11.01 -22.87
N ALA B 39 -22.45 -12.03 -22.46
CA ALA B 39 -23.81 -12.24 -22.94
C ALA B 39 -24.74 -11.13 -22.49
N PHE B 40 -24.63 -10.71 -21.23
CA PHE B 40 -25.47 -9.62 -20.74
C PHE B 40 -25.25 -8.35 -21.56
N LEU B 41 -23.99 -8.07 -21.90
CA LEU B 41 -23.71 -6.90 -22.72
C LEU B 41 -24.27 -7.08 -24.13
N GLU B 42 -24.09 -8.26 -24.70
CA GLU B 42 -24.61 -8.54 -26.04
C GLU B 42 -26.12 -8.45 -26.06
N GLU B 43 -26.76 -8.87 -24.97
CA GLU B 43 -28.20 -8.82 -24.78
C GLU B 43 -28.68 -7.43 -24.42
N GLY B 44 -27.77 -6.48 -24.20
CA GLY B 44 -28.13 -5.12 -23.85
C GLY B 44 -28.47 -4.91 -22.40
N ASP B 45 -28.21 -5.90 -21.53
CA ASP B 45 -28.52 -5.79 -20.11
C ASP B 45 -27.32 -5.21 -19.36
N LEU B 46 -27.11 -3.91 -19.56
CA LEU B 46 -25.96 -3.24 -18.96
C LEU B 46 -25.99 -3.38 -17.44
N ASP B 47 -27.18 -3.26 -16.84
CA ASP B 47 -27.31 -3.35 -15.39
C ASP B 47 -26.78 -4.68 -14.87
N ASN B 48 -27.27 -5.79 -15.44
CA ASN B 48 -26.79 -7.10 -15.01
C ASN B 48 -25.34 -7.32 -15.39
N ALA B 49 -24.92 -6.81 -16.55
CA ALA B 49 -23.51 -6.92 -16.92
C ALA B 49 -22.63 -6.22 -15.90
N ALA B 50 -23.02 -5.02 -15.46
CA ALA B 50 -22.27 -4.34 -14.41
C ALA B 50 -22.30 -5.12 -13.11
N ARG B 51 -23.48 -5.66 -12.75
CA ARG B 51 -23.57 -6.46 -11.53
C ARG B 51 -22.74 -7.74 -11.65
N GLU B 52 -22.71 -8.34 -12.84
CA GLU B 52 -21.98 -9.60 -13.01
C GLU B 52 -20.48 -9.39 -12.81
N MET B 53 -19.92 -8.37 -13.46
CA MET B 53 -18.50 -8.11 -13.32
C MET B 53 -18.12 -7.70 -11.89
N ASN B 54 -19.09 -7.23 -11.10
CA ASN B 54 -18.79 -6.88 -9.72
C ASN B 54 -18.23 -8.07 -8.96
N ALA B 55 -18.59 -9.29 -9.38
CA ALA B 55 -18.08 -10.49 -8.72
C ALA B 55 -16.56 -10.55 -8.75
N LEU B 56 -15.93 -9.95 -9.77
CA LEU B 56 -14.48 -10.01 -9.92
C LEU B 56 -13.74 -8.85 -9.28
N THR B 57 -14.44 -7.76 -8.94
CA THR B 57 -13.78 -6.58 -8.41
C THR B 57 -14.10 -6.30 -6.95
N GLY B 58 -15.29 -6.68 -6.48
CA GLY B 58 -15.66 -6.40 -5.10
C GLY B 58 -14.76 -7.13 -4.12
N TRP B 59 -14.40 -6.44 -3.04
CA TRP B 59 -13.55 -7.04 -2.02
C TRP B 59 -14.27 -8.12 -1.22
N SER B 60 -15.59 -8.00 -1.05
CA SER B 60 -16.33 -9.01 -0.30
C SER B 60 -16.30 -10.37 -0.99
N LYS B 61 -16.31 -10.40 -2.32
CA LYS B 61 -16.44 -11.68 -3.01
C LYS B 61 -15.31 -12.63 -2.61
N THR B 62 -15.60 -13.93 -2.65
CA THR B 62 -14.60 -14.93 -2.27
C THR B 62 -13.35 -14.82 -3.12
N LEU B 63 -13.51 -14.49 -4.39
CA LEU B 63 -12.35 -14.45 -5.29
C LEU B 63 -11.29 -13.47 -4.81
N SER B 64 -11.70 -12.30 -4.31
CA SER B 64 -10.72 -11.36 -3.80
C SER B 64 -10.05 -11.85 -2.52
N ARG B 65 -10.78 -12.59 -1.69
CA ARG B 65 -10.18 -13.16 -0.48
C ARG B 65 -9.11 -14.20 -0.80
N ASP B 66 -9.30 -14.97 -1.87
CA ASP B 66 -8.35 -16.04 -2.19
C ASP B 66 -6.95 -15.47 -2.42
N TRP B 67 -6.83 -14.52 -3.35
CA TRP B 67 -5.53 -13.97 -3.66
C TRP B 67 -5.04 -12.98 -2.61
N LEU B 68 -5.96 -12.28 -1.93
CA LEU B 68 -5.52 -11.40 -0.84
C LEU B 68 -4.83 -12.21 0.27
N ALA B 69 -5.39 -13.37 0.61
CA ALA B 69 -4.71 -14.23 1.58
C ALA B 69 -3.37 -14.70 1.05
N GLU B 70 -3.32 -15.04 -0.25
CA GLU B 70 -2.07 -15.44 -0.86
C GLU B 70 -1.01 -14.34 -0.75
N VAL B 71 -1.42 -13.09 -0.92
CA VAL B 71 -0.47 -11.98 -0.82
C VAL B 71 -0.07 -11.75 0.63
N ARG B 72 -1.00 -11.95 1.56
CA ARG B 72 -0.68 -11.80 2.98
C ARG B 72 0.32 -12.86 3.42
N LYS B 73 0.10 -14.12 3.04
CA LYS B 73 1.03 -15.18 3.43
C LYS B 73 2.43 -14.89 2.92
N VAL B 74 2.54 -14.32 1.72
CA VAL B 74 3.86 -14.07 1.15
C VAL B 74 4.58 -12.94 1.89
N LEU B 75 3.84 -11.87 2.20
CA LEU B 75 4.45 -10.76 2.93
C LEU B 75 4.86 -11.19 4.33
N GLU B 76 4.01 -11.97 5.00
CA GLU B 76 4.34 -12.43 6.34
C GLU B 76 5.60 -13.31 6.33
N VAL B 77 5.67 -14.26 5.39
CA VAL B 77 6.82 -15.15 5.33
C VAL B 77 8.10 -14.37 5.07
N ARG B 78 8.04 -13.35 4.22
CA ARG B 78 9.22 -12.52 3.97
C ARG B 78 9.65 -11.80 5.25
N GLN B 79 8.69 -11.25 6.00
CA GLN B 79 9.02 -10.56 7.24
C GLN B 79 9.65 -11.52 8.25
N ALA B 80 9.13 -12.74 8.33
CA ALA B 80 9.71 -13.72 9.24
C ALA B 80 11.13 -14.07 8.83
N LEU B 81 11.38 -14.14 7.52
CA LEU B 81 12.72 -14.45 7.03
C LEU B 81 13.70 -13.32 7.35
N GLU B 82 13.25 -12.07 7.22
CA GLU B 82 14.15 -10.94 7.47
C GLU B 82 14.57 -10.88 8.94
N VAL B 83 13.68 -11.27 9.86
CA VAL B 83 14.06 -11.29 11.26
C VAL B 83 15.16 -12.32 11.49
N ILE B 84 15.03 -13.50 10.88
CA ILE B 84 16.07 -14.51 10.99
C ILE B 84 17.34 -14.03 10.30
N GLN B 85 17.21 -13.41 9.12
CA GLN B 85 18.38 -12.92 8.41
C GLN B 85 19.13 -11.86 9.21
N ALA B 86 18.39 -10.89 9.75
CA ALA B 86 19.04 -9.85 10.56
C ALA B 86 19.63 -10.45 11.83
N GLU B 87 18.93 -11.43 12.41
CA GLU B 87 19.46 -12.08 13.60
C GLU B 87 20.74 -12.85 13.27
N ALA B 88 20.78 -13.49 12.09
CA ALA B 88 21.98 -14.22 11.69
C ALA B 88 23.16 -13.28 11.50
N ARG B 89 22.96 -12.19 10.74
CA ARG B 89 24.02 -11.20 10.57
C ARG B 89 24.54 -10.71 11.91
N LEU B 90 23.65 -10.56 12.89
CA LEU B 90 24.06 -10.06 14.20
C LEU B 90 25.01 -11.04 14.88
N GLN B 91 24.68 -12.33 14.87
CA GLN B 91 25.55 -13.31 15.51
C GLN B 91 26.88 -13.48 14.78
N SER B 92 26.91 -13.23 13.46
CA SER B 92 28.16 -13.34 12.73
C SER B 92 29.19 -12.34 13.25
N LEU B 93 28.72 -11.17 13.69
CA LEU B 93 29.62 -10.15 14.21
C LEU B 93 30.13 -10.51 15.60
N ARG B 94 29.25 -11.02 16.45
CA ARG B 94 29.63 -11.46 17.79
C ARG B 94 30.39 -10.36 18.54
N PRO B 102 28.76 -7.61 26.32
CA PRO B 102 27.41 -7.15 25.97
C PRO B 102 27.42 -6.14 24.82
N LEU B 103 26.34 -6.13 24.05
CA LEU B 103 26.16 -5.28 22.89
C LEU B 103 25.40 -4.02 23.27
N PRO B 104 25.34 -3.02 22.38
CA PRO B 104 24.63 -1.79 22.71
C PRO B 104 23.19 -2.08 23.04
N GLU B 105 22.66 -1.40 24.06
CA GLU B 105 21.26 -1.61 24.42
C GLU B 105 20.36 -1.15 23.29
N SER B 106 20.83 -0.20 22.48
CA SER B 106 20.04 0.29 21.36
C SER B 106 19.70 -0.83 20.38
N VAL B 107 20.64 -1.73 20.11
CA VAL B 107 20.35 -2.83 19.19
C VAL B 107 19.40 -3.84 19.83
N GLU B 108 19.70 -4.27 21.06
CA GLU B 108 18.92 -5.35 21.66
C GLU B 108 17.51 -4.89 22.06
N LYS B 109 17.34 -3.61 22.37
CA LYS B 109 15.99 -3.11 22.65
C LYS B 109 15.10 -3.26 21.43
N ALA B 110 15.68 -3.11 20.23
CA ALA B 110 14.90 -3.33 19.01
C ALA B 110 14.54 -4.79 18.81
N ARG B 111 15.37 -5.70 19.34
CA ARG B 111 15.07 -7.13 19.20
C ARG B 111 13.92 -7.53 20.11
N SER B 112 14.02 -7.18 21.40
CA SER B 112 12.93 -7.52 22.33
C SER B 112 11.61 -6.94 21.87
N GLU B 113 11.65 -5.75 21.24
CA GLU B 113 10.41 -5.13 20.75
C GLU B 113 9.79 -5.99 19.66
N VAL B 114 10.60 -6.57 18.78
CA VAL B 114 10.06 -7.36 17.68
C VAL B 114 9.35 -8.59 18.21
N VAL B 115 9.99 -9.31 19.16
CA VAL B 115 9.35 -10.49 19.72
C VAL B 115 8.14 -10.10 20.54
N ARG B 116 8.24 -9.03 21.32
CA ARG B 116 7.10 -8.56 22.09
C ARG B 116 5.94 -8.18 21.18
N CYS B 117 6.25 -7.57 20.02
CA CYS B 117 5.20 -7.23 19.08
C CYS B 117 4.59 -8.47 18.45
N LEU B 118 5.43 -9.42 18.02
CA LEU B 118 4.92 -10.61 17.36
C LEU B 118 4.02 -11.41 18.27
N ARG B 119 4.34 -11.46 19.57
CA ARG B 119 3.46 -12.12 20.52
C ARG B 119 2.14 -11.38 20.64
N GLU B 120 2.18 -10.05 20.59
CA GLU B 120 0.97 -9.26 20.67
C GLU B 120 0.12 -9.41 19.41
N HIS B 121 0.74 -9.57 18.25
CA HIS B 121 -0.02 -9.71 16.99
C HIS B 121 0.30 -11.02 16.28
N ASP B 122 0.08 -12.16 16.92
CA ASP B 122 0.42 -13.42 16.28
C ASP B 122 -0.43 -13.67 15.03
N ARG B 123 -1.69 -13.25 15.06
CA ARG B 123 -2.60 -13.55 13.94
C ARG B 123 -2.25 -12.72 12.71
N ARG B 124 -1.84 -11.47 12.89
CA ARG B 124 -1.45 -10.61 11.79
C ARG B 124 -0.07 -10.04 12.08
N PRO B 125 0.98 -10.78 11.76
CA PRO B 125 2.34 -10.32 12.11
C PRO B 125 2.76 -9.05 11.39
N LEU B 126 2.10 -8.68 10.29
CA LEU B 126 2.52 -7.49 9.56
C LEU B 126 2.38 -6.22 10.39
N ASN B 127 1.62 -6.25 11.49
CA ASN B 127 1.54 -5.10 12.37
C ASN B 127 2.86 -4.77 13.03
N CYS B 128 3.88 -5.60 12.85
CA CYS B 128 5.19 -5.39 13.44
C CYS B 128 6.23 -5.05 12.39
N TRP B 129 5.80 -4.57 11.22
CA TRP B 129 6.74 -4.28 10.14
C TRP B 129 7.69 -3.16 10.55
N GLN B 130 7.18 -2.15 11.26
CA GLN B 130 8.04 -1.07 11.72
C GLN B 130 9.05 -1.58 12.74
N GLU B 131 8.61 -2.41 13.68
CA GLU B 131 9.52 -2.93 14.69
C GLU B 131 10.64 -3.74 14.05
N VAL B 132 10.33 -4.50 12.99
CA VAL B 132 11.34 -5.24 12.27
C VAL B 132 12.32 -4.30 11.56
N GLU B 133 11.81 -3.23 10.97
CA GLU B 133 12.68 -2.26 10.30
C GLU B 133 13.68 -1.66 11.27
N ALA B 134 13.22 -1.29 12.46
CA ALA B 134 14.13 -0.75 13.47
C ALA B 134 15.20 -1.77 13.83
N PHE B 135 14.83 -3.04 13.94
CA PHE B 135 15.81 -4.08 14.24
C PHE B 135 16.83 -4.24 13.11
N LYS B 136 16.37 -4.21 11.86
CA LYS B 136 17.30 -4.32 10.74
C LYS B 136 18.26 -3.14 10.72
N GLU B 137 17.75 -1.93 10.96
CA GLU B 137 18.61 -0.76 10.94
C GLU B 137 19.61 -0.78 12.09
N GLU B 138 19.22 -1.35 13.24
CA GLU B 138 20.18 -1.47 14.34
C GLU B 138 21.32 -2.41 13.99
N VAL B 139 21.01 -3.52 13.32
CA VAL B 139 22.06 -4.43 12.89
C VAL B 139 22.92 -3.77 11.82
N ARG B 140 22.30 -3.06 10.88
CA ARG B 140 23.05 -2.34 9.86
C ARG B 140 24.05 -1.39 10.48
N LYS B 141 23.63 -0.62 11.48
CA LYS B 141 24.50 0.36 12.11
C LYS B 141 25.72 -0.30 12.74
N LEU B 142 25.54 -1.45 13.38
CA LEU B 142 26.67 -2.14 14.01
C LEU B 142 27.76 -2.44 13.00
N GLU B 143 27.37 -2.85 11.79
CA GLU B 143 28.31 -3.16 10.73
C GLU B 143 29.15 -1.94 10.35
N LYS B 144 28.58 -0.73 10.48
CA LYS B 144 29.32 0.45 10.08
C LYS B 144 30.12 1.01 11.25
N GLY B 145 29.59 0.93 12.46
CA GLY B 145 30.29 1.40 13.63
C GLY B 145 29.40 2.29 14.48
N GLY C 1 -34.84 6.36 17.35
CA GLY C 1 -34.64 6.52 18.78
C GLY C 1 -33.26 6.09 19.24
N PRO C 2 -33.19 5.00 20.01
CA PRO C 2 -31.88 4.51 20.47
C PRO C 2 -30.91 4.25 19.33
N THR C 3 -31.42 3.89 18.15
CA THR C 3 -30.53 3.64 17.01
C THR C 3 -29.99 4.95 16.46
N ARG C 4 -30.88 5.91 16.17
CA ARG C 4 -30.41 7.17 15.60
C ARG C 4 -29.65 8.00 16.64
N ALA C 5 -30.05 7.93 17.91
CA ALA C 5 -29.30 8.61 18.95
C ALA C 5 -27.91 8.00 19.09
N GLU C 6 -27.81 6.69 18.93
CA GLU C 6 -26.51 6.02 18.96
C GLU C 6 -25.68 6.37 17.73
N LEU C 7 -26.33 6.69 16.60
CA LEU C 7 -25.60 7.12 15.43
C LEU C 7 -25.00 8.51 15.63
N ILE C 8 -25.76 9.41 16.27
CA ILE C 8 -25.29 10.77 16.50
C ILE C 8 -24.08 10.76 17.44
N ASP C 9 -24.13 9.93 18.48
CA ASP C 9 -23.02 9.86 19.42
C ASP C 9 -21.76 9.31 18.75
N ARG C 10 -21.91 8.34 17.87
CA ARG C 10 -20.75 7.78 17.16
C ARG C 10 -20.07 8.83 16.30
N PHE C 11 -20.85 9.60 15.54
CA PHE C 11 -20.24 10.61 14.68
C PHE C 11 -19.53 11.67 15.51
N ARG C 12 -20.13 12.07 16.63
CA ARG C 12 -19.52 13.08 17.47
C ARG C 12 -18.16 12.62 18.00
N ARG C 13 -17.98 11.32 18.20
CA ARG C 13 -16.66 10.79 18.53
C ARG C 13 -15.73 10.83 17.32
N VAL C 14 -16.23 10.47 16.14
CA VAL C 14 -15.38 10.46 14.95
C VAL C 14 -14.92 11.87 14.62
N ALA C 15 -15.80 12.86 14.76
CA ALA C 15 -15.42 14.23 14.48
C ALA C 15 -14.25 14.66 15.35
N ASN C 16 -14.22 14.22 16.61
CA ASN C 16 -13.10 14.52 17.49
C ASN C 16 -11.82 13.89 16.96
N GLU C 17 -11.91 12.65 16.45
CA GLU C 17 -10.76 12.00 15.87
C GLU C 17 -10.33 12.69 14.58
N VAL C 18 -11.28 13.25 13.84
CA VAL C 18 -10.94 13.98 12.61
C VAL C 18 -10.06 15.17 12.94
N ARG C 19 -10.45 15.95 13.96
CA ARG C 19 -9.69 17.15 14.30
C ARG C 19 -8.26 16.82 14.72
N LYS C 20 -8.04 15.67 15.37
CA LYS C 20 -6.68 15.28 15.72
C LYS C 20 -5.88 14.85 14.50
N ALA C 21 -6.54 14.40 13.44
CA ALA C 21 -5.85 14.01 12.22
C ALA C 21 -5.60 15.28 11.42
N SER C 22 -4.39 15.83 11.57
CA SER C 22 -4.08 17.14 10.99
C SER C 22 -4.15 17.12 9.48
N LEU C 23 -3.84 15.97 8.85
CA LEU C 23 -3.89 15.93 7.39
C LEU C 23 -5.32 16.16 6.91
N LEU C 24 -6.29 15.57 7.60
CA LEU C 24 -7.69 15.79 7.28
C LEU C 24 -8.17 17.11 7.85
N GLY C 25 -7.54 17.55 8.94
CA GLY C 25 -7.89 18.77 9.64
C GLY C 25 -7.28 20.05 9.13
N SER C 26 -7.65 20.47 7.92
CA SER C 26 -7.51 21.86 7.54
C SER C 26 -8.63 22.61 8.24
N GLY C 27 -8.28 23.36 9.27
CA GLY C 27 -9.24 23.85 10.26
C GLY C 27 -10.59 24.31 9.77
N ASP C 28 -10.60 25.36 8.94
CA ASP C 28 -11.83 26.12 8.72
C ASP C 28 -12.85 25.32 7.90
N ASP C 29 -12.42 24.73 6.78
CA ASP C 29 -13.40 24.12 5.88
C ASP C 29 -13.96 22.83 6.48
N VAL C 30 -13.11 22.01 7.11
CA VAL C 30 -13.60 20.76 7.67
C VAL C 30 -14.60 21.01 8.79
N GLU C 31 -14.41 22.08 9.57
CA GLU C 31 -15.30 22.35 10.70
C GLU C 31 -16.73 22.57 10.27
N SER C 32 -16.95 23.27 9.16
CA SER C 32 -18.31 23.47 8.68
C SER C 32 -18.89 22.18 8.11
N ILE C 33 -18.04 21.33 7.55
CA ILE C 33 -18.50 20.04 7.06
C ILE C 33 -18.97 19.19 8.23
N LEU C 34 -18.23 19.22 9.33
CA LEU C 34 -18.66 18.50 10.52
C LEU C 34 -19.96 19.09 11.08
N ALA C 35 -20.06 20.41 11.11
CA ALA C 35 -21.25 21.07 11.63
C ALA C 35 -22.49 20.72 10.81
N ARG C 36 -22.40 20.84 9.48
CA ARG C 36 -23.54 20.51 8.64
C ARG C 36 -23.90 19.03 8.76
N THR C 37 -22.89 18.16 8.84
CA THR C 37 -23.17 16.74 9.00
C THR C 37 -23.92 16.49 10.31
N GLN C 38 -23.52 17.18 11.37
CA GLN C 38 -24.23 17.06 12.63
C GLN C 38 -25.68 17.53 12.50
N ALA C 39 -25.90 18.65 11.81
CA ALA C 39 -27.26 19.16 11.66
C ALA C 39 -28.14 18.18 10.90
N PHE C 40 -27.63 17.58 9.82
CA PHE C 40 -28.42 16.63 9.06
C PHE C 40 -28.81 15.44 9.93
N LEU C 41 -27.89 14.98 10.78
CA LEU C 41 -28.18 13.84 11.65
C LEU C 41 -29.24 14.20 12.68
N GLU C 42 -29.15 15.40 13.26
CA GLU C 42 -30.11 15.79 14.29
C GLU C 42 -31.53 15.88 13.74
N GLU C 43 -31.69 16.43 12.53
CA GLU C 43 -33.00 16.52 11.90
C GLU C 43 -33.45 15.23 11.22
N GLY C 44 -32.62 14.18 11.23
CA GLY C 44 -33.00 12.92 10.64
C GLY C 44 -32.80 12.79 9.15
N ASP C 45 -32.07 13.71 8.52
CA ASP C 45 -31.80 13.63 7.08
C ASP C 45 -30.50 12.87 6.86
N LEU C 46 -30.57 11.56 7.11
CA LEU C 46 -29.38 10.71 7.00
C LEU C 46 -28.77 10.79 5.61
N ASP C 47 -29.62 10.86 4.57
CA ASP C 47 -29.10 10.93 3.21
C ASP C 47 -28.18 12.13 3.03
N ASN C 48 -28.62 13.31 3.47
CA ASN C 48 -27.79 14.50 3.36
C ASN C 48 -26.57 14.40 4.26
N ALA C 49 -26.74 13.83 5.46
CA ALA C 49 -25.59 13.63 6.33
C ALA C 49 -24.57 12.72 5.68
N ALA C 50 -25.03 11.64 5.04
CA ALA C 50 -24.11 10.74 4.34
C ALA C 50 -23.41 11.46 3.20
N ARG C 51 -24.15 12.27 2.43
CA ARG C 51 -23.53 13.04 1.36
C ARG C 51 -22.51 14.02 1.92
N GLU C 52 -22.90 14.76 2.97
CA GLU C 52 -21.98 15.74 3.56
C GLU C 52 -20.68 15.07 4.00
N MET C 53 -20.78 13.91 4.64
CA MET C 53 -19.59 13.21 5.09
C MET C 53 -18.69 12.79 3.94
N ASN C 54 -19.25 12.67 2.73
CA ASN C 54 -18.46 12.23 1.60
C ASN C 54 -17.27 13.15 1.33
N ALA C 55 -17.42 14.44 1.63
CA ALA C 55 -16.35 15.40 1.39
C ALA C 55 -15.07 15.00 2.10
N LEU C 56 -15.18 14.25 3.20
CA LEU C 56 -14.01 13.91 3.99
C LEU C 56 -13.37 12.59 3.57
N THR C 57 -14.09 11.74 2.85
CA THR C 57 -13.59 10.41 2.50
C THR C 57 -13.39 10.15 1.01
N GLY C 58 -14.17 10.78 0.13
CA GLY C 58 -14.07 10.47 -1.28
C GLY C 58 -12.68 10.79 -1.82
N TRP C 59 -12.18 9.90 -2.69
CA TRP C 59 -10.85 10.10 -3.25
C TRP C 59 -10.82 11.27 -4.23
N SER C 60 -11.90 11.51 -4.97
CA SER C 60 -11.91 12.64 -5.89
C SER C 60 -11.89 13.97 -5.15
N LYS C 61 -12.54 14.05 -3.98
CA LYS C 61 -12.65 15.34 -3.29
C LYS C 61 -11.29 15.95 -3.01
N THR C 62 -11.27 17.29 -3.00
CA THR C 62 -10.04 18.03 -2.77
C THR C 62 -9.39 17.66 -1.44
N LEU C 63 -10.21 17.43 -0.41
CA LEU C 63 -9.64 17.14 0.91
C LEU C 63 -8.76 15.90 0.86
N SER C 64 -9.23 14.84 0.20
CA SER C 64 -8.42 13.63 0.07
C SER C 64 -7.27 13.82 -0.93
N ARG C 65 -7.48 14.62 -1.97
CA ARG C 65 -6.41 14.86 -2.93
C ARG C 65 -5.26 15.61 -2.28
N ASP C 66 -5.57 16.56 -1.40
CA ASP C 66 -4.54 17.38 -0.78
C ASP C 66 -3.60 16.54 0.07
N TRP C 67 -4.16 15.72 0.97
CA TRP C 67 -3.29 14.93 1.84
C TRP C 67 -2.63 13.80 1.06
N LEU C 68 -3.29 13.28 0.02
CA LEU C 68 -2.64 12.28 -0.83
C LEU C 68 -1.39 12.88 -1.49
N ALA C 69 -1.49 14.12 -1.96
CA ALA C 69 -0.32 14.78 -2.56
C ALA C 69 0.81 14.95 -1.54
N GLU C 70 0.47 15.36 -0.31
CA GLU C 70 1.49 15.49 0.72
C GLU C 70 2.16 14.16 1.00
N VAL C 71 1.38 13.07 1.01
CA VAL C 71 1.97 11.74 1.16
C VAL C 71 2.78 11.38 -0.08
N ARG C 72 2.30 11.78 -1.26
CA ARG C 72 3.04 11.51 -2.48
C ARG C 72 4.37 12.25 -2.49
N LYS C 73 4.38 13.49 -2.00
CA LYS C 73 5.62 14.27 -1.97
C LYS C 73 6.61 13.70 -0.98
N VAL C 74 6.13 13.10 0.11
CA VAL C 74 7.04 12.59 1.13
C VAL C 74 7.70 11.30 0.65
N LEU C 75 6.92 10.41 0.01
CA LEU C 75 7.46 9.17 -0.51
C LEU C 75 8.44 9.43 -1.65
N GLU C 76 8.11 10.33 -2.57
CA GLU C 76 9.02 10.62 -3.67
C GLU C 76 10.32 11.20 -3.15
N VAL C 77 10.25 12.18 -2.25
CA VAL C 77 11.46 12.77 -1.69
C VAL C 77 12.25 11.71 -0.93
N ARG C 78 11.55 10.82 -0.23
CA ARG C 78 12.25 9.75 0.49
C ARG C 78 13.03 8.86 -0.47
N GLN C 79 12.42 8.49 -1.60
CA GLN C 79 13.11 7.65 -2.57
C GLN C 79 14.32 8.36 -3.16
N ALA C 80 14.20 9.66 -3.42
CA ALA C 80 15.33 10.42 -3.96
C ALA C 80 16.48 10.46 -2.97
N LEU C 81 16.18 10.60 -1.68
CA LEU C 81 17.23 10.65 -0.68
C LEU C 81 17.96 9.32 -0.57
N GLU C 82 17.23 8.21 -0.66
CA GLU C 82 17.86 6.91 -0.55
C GLU C 82 18.80 6.64 -1.72
N VAL C 83 18.48 7.17 -2.90
CA VAL C 83 19.38 7.01 -4.05
C VAL C 83 20.68 7.76 -3.81
N ILE C 84 20.60 9.00 -3.31
CA ILE C 84 21.80 9.75 -2.98
C ILE C 84 22.54 9.08 -1.83
N GLN C 85 21.81 8.60 -0.83
CA GLN C 85 22.43 7.95 0.31
C GLN C 85 23.21 6.71 -0.13
N ALA C 86 22.61 5.88 -0.98
CA ALA C 86 23.34 4.72 -1.49
C ALA C 86 24.47 5.14 -2.40
N GLU C 87 24.27 6.19 -3.19
CA GLU C 87 25.34 6.66 -4.08
C GLU C 87 26.54 7.13 -3.28
N ALA C 88 26.31 7.78 -2.13
CA ALA C 88 27.41 8.22 -1.29
C ALA C 88 28.22 7.04 -0.78
N ARG C 89 27.55 5.97 -0.38
CA ARG C 89 28.26 4.79 0.10
C ARG C 89 28.99 4.08 -1.01
N LEU C 90 28.42 4.05 -2.22
CA LEU C 90 29.11 3.43 -3.35
C LEU C 90 30.39 4.17 -3.66
N GLN C 91 30.33 5.50 -3.71
CA GLN C 91 31.54 6.28 -3.92
C GLN C 91 32.46 6.19 -2.71
N SER C 92 31.88 5.97 -1.53
CA SER C 92 32.68 5.86 -0.30
C SER C 92 33.61 4.66 -0.31
N LEU C 93 33.22 3.55 -0.93
CA LEU C 93 34.08 2.38 -0.92
C LEU C 93 35.27 2.56 -1.85
N ARG C 94 35.01 2.88 -3.12
CA ARG C 94 36.06 3.23 -4.08
C ARG C 94 37.25 3.86 -3.35
N LEU C 95 37.00 4.94 -2.63
CA LEU C 95 38.03 5.64 -1.88
C LEU C 95 38.67 4.74 -0.82
N ARG C 101 40.91 0.42 -9.54
CA ARG C 101 40.09 -0.68 -9.05
C ARG C 101 38.83 -0.83 -9.89
N PRO C 102 38.32 -2.05 -10.00
CA PRO C 102 37.12 -2.30 -10.80
C PRO C 102 35.86 -1.89 -10.07
N LEU C 103 34.78 -1.74 -10.86
CA LEU C 103 33.44 -1.61 -10.29
C LEU C 103 32.66 -2.87 -10.66
N PRO C 104 32.10 -3.59 -9.69
CA PRO C 104 31.38 -4.82 -10.04
C PRO C 104 30.24 -4.57 -10.99
N GLU C 105 30.06 -5.50 -11.93
CA GLU C 105 29.03 -5.36 -12.95
C GLU C 105 27.63 -5.37 -12.34
N SER C 106 27.42 -6.15 -11.28
CA SER C 106 26.12 -6.17 -10.62
C SER C 106 25.79 -4.83 -10.00
N VAL C 107 26.78 -4.18 -9.40
CA VAL C 107 26.56 -2.87 -8.80
C VAL C 107 26.28 -1.82 -9.87
N GLU C 108 27.08 -1.84 -10.93
CA GLU C 108 26.93 -0.84 -11.98
C GLU C 108 25.64 -1.06 -12.75
N LYS C 109 25.24 -2.32 -12.96
CA LYS C 109 24.02 -2.62 -13.69
C LYS C 109 22.79 -2.09 -12.93
N ALA C 110 22.78 -2.25 -11.60
CA ALA C 110 21.65 -1.77 -10.81
C ALA C 110 21.57 -0.25 -10.82
N ARG C 111 22.73 0.43 -10.77
CA ARG C 111 22.73 1.88 -10.85
C ARG C 111 22.18 2.36 -12.19
N SER C 112 22.47 1.61 -13.25
CA SER C 112 21.96 1.97 -14.57
C SER C 112 20.45 1.76 -14.67
N GLU C 113 19.92 0.73 -13.99
CA GLU C 113 18.48 0.52 -14.03
C GLU C 113 17.72 1.68 -13.41
N VAL C 114 18.21 2.20 -12.28
CA VAL C 114 17.53 3.33 -11.63
C VAL C 114 17.57 4.56 -12.51
N VAL C 115 18.74 4.85 -13.12
CA VAL C 115 18.85 6.02 -13.98
C VAL C 115 17.94 5.86 -15.20
N ARG C 116 17.96 4.68 -15.83
CA ARG C 116 17.09 4.45 -16.98
C ARG C 116 15.62 4.58 -16.61
N CYS C 117 15.25 4.15 -15.41
CA CYS C 117 13.84 4.16 -15.01
C CYS C 117 13.37 5.58 -14.70
N LEU C 118 14.17 6.33 -13.94
CA LEU C 118 13.75 7.68 -13.54
C LEU C 118 13.55 8.58 -14.75
N ARG C 119 14.38 8.42 -15.79
CA ARG C 119 14.22 9.22 -16.99
C ARG C 119 12.90 8.88 -17.70
N GLU C 120 12.56 7.58 -17.72
CA GLU C 120 11.32 7.13 -18.34
C GLU C 120 10.09 7.55 -17.55
N HIS C 121 10.22 7.66 -16.22
CA HIS C 121 9.11 8.07 -15.36
C HIS C 121 9.50 9.37 -14.66
N ASP C 122 9.75 10.42 -15.45
CA ASP C 122 10.21 11.69 -14.88
C ASP C 122 9.17 12.26 -13.92
N ARG C 123 7.91 12.28 -14.33
CA ARG C 123 6.88 12.90 -13.50
C ARG C 123 6.43 12.02 -12.35
N ARG C 124 6.62 10.71 -12.43
CA ARG C 124 6.17 9.79 -11.38
C ARG C 124 7.30 8.81 -11.05
N PRO C 125 8.25 9.24 -10.23
CA PRO C 125 9.39 8.36 -9.90
C PRO C 125 9.03 7.13 -9.10
N LEU C 126 7.86 7.10 -8.45
CA LEU C 126 7.50 5.96 -7.62
C LEU C 126 7.39 4.66 -8.42
N ASN C 127 7.27 4.76 -9.74
CA ASN C 127 7.30 3.56 -10.57
C ASN C 127 8.66 2.88 -10.57
N CYS C 128 9.67 3.46 -9.94
CA CYS C 128 11.01 2.90 -9.89
C CYS C 128 11.40 2.44 -8.49
N TRP C 129 10.43 2.19 -7.63
CA TRP C 129 10.72 1.83 -6.24
C TRP C 129 11.50 0.52 -6.17
N GLN C 130 11.13 -0.47 -6.99
CA GLN C 130 11.84 -1.74 -6.97
C GLN C 130 13.28 -1.58 -7.44
N GLU C 131 13.49 -0.82 -8.52
CA GLU C 131 14.84 -0.60 -9.03
C GLU C 131 15.72 0.08 -7.99
N VAL C 132 15.14 1.03 -7.24
CA VAL C 132 15.89 1.68 -6.17
C VAL C 132 16.24 0.66 -5.08
N GLU C 133 15.30 -0.22 -4.76
CA GLU C 133 15.58 -1.25 -3.77
C GLU C 133 16.72 -2.15 -4.25
N ALA C 134 16.69 -2.54 -5.52
CA ALA C 134 17.76 -3.35 -6.08
C ALA C 134 19.10 -2.64 -6.02
N PHE C 135 19.13 -1.35 -6.33
CA PHE C 135 20.38 -0.60 -6.25
C PHE C 135 20.88 -0.52 -4.81
N LYS C 136 19.97 -0.27 -3.87
CA LYS C 136 20.38 -0.25 -2.46
C LYS C 136 20.89 -1.61 -2.03
N GLU C 137 20.22 -2.67 -2.48
CA GLU C 137 20.60 -4.02 -2.08
C GLU C 137 21.96 -4.40 -2.62
N GLU C 138 22.29 -3.92 -3.83
CA GLU C 138 23.58 -4.22 -4.42
C GLU C 138 24.70 -3.52 -3.65
N VAL C 139 24.46 -2.26 -3.24
CA VAL C 139 25.45 -1.52 -2.46
C VAL C 139 25.65 -2.17 -1.10
N ARG C 140 24.55 -2.52 -0.43
CA ARG C 140 24.67 -3.16 0.87
C ARG C 140 25.45 -4.46 0.80
N LYS C 141 25.34 -5.17 -0.30
CA LYS C 141 26.01 -6.45 -0.39
C LYS C 141 27.52 -6.28 -0.41
N LEU C 142 28.01 -5.26 -1.09
CA LEU C 142 29.45 -5.01 -1.09
C LEU C 142 29.98 -4.75 0.32
N GLU C 143 29.23 -3.97 1.11
CA GLU C 143 29.66 -3.67 2.48
C GLU C 143 29.71 -4.92 3.34
N LYS C 144 28.88 -5.92 3.06
CA LYS C 144 28.84 -7.11 3.90
C LYS C 144 29.62 -8.27 3.31
N GLY C 145 30.12 -8.14 2.08
CA GLY C 145 30.94 -9.17 1.48
C GLY C 145 30.17 -10.20 0.69
N PRO D 2 34.26 16.46 -10.15
CA PRO D 2 34.17 15.16 -10.81
C PRO D 2 32.79 14.55 -10.69
N THR D 3 32.70 13.25 -10.40
CA THR D 3 31.42 12.64 -10.10
C THR D 3 30.91 13.07 -8.73
N ARG D 4 31.79 13.49 -7.83
CA ARG D 4 31.34 14.06 -6.57
C ARG D 4 30.61 15.37 -6.78
N ALA D 5 30.98 16.14 -7.80
CA ALA D 5 30.28 17.38 -8.10
C ALA D 5 28.83 17.12 -8.47
N GLU D 6 28.58 16.05 -9.24
CA GLU D 6 27.20 15.78 -9.66
C GLU D 6 26.39 15.16 -8.53
N LEU D 7 27.04 14.48 -7.58
CA LEU D 7 26.34 14.06 -6.38
C LEU D 7 25.91 15.26 -5.56
N ILE D 8 26.78 16.27 -5.45
CA ILE D 8 26.44 17.47 -4.70
C ILE D 8 25.29 18.21 -5.38
N ASP D 9 25.31 18.29 -6.71
CA ASP D 9 24.23 18.94 -7.43
C ASP D 9 22.93 18.15 -7.27
N ARG D 10 23.01 16.82 -7.29
CA ARG D 10 21.80 16.03 -7.13
C ARG D 10 21.16 16.29 -5.77
N PHE D 11 21.99 16.33 -4.72
CA PHE D 11 21.46 16.60 -3.38
C PHE D 11 20.90 18.01 -3.26
N ARG D 12 21.49 18.98 -3.95
CA ARG D 12 20.95 20.33 -3.92
C ARG D 12 19.54 20.37 -4.50
N ARG D 13 19.32 19.66 -5.60
CA ARG D 13 17.97 19.54 -6.15
C ARG D 13 17.02 18.87 -5.17
N VAL D 14 17.46 17.78 -4.55
CA VAL D 14 16.59 17.03 -3.64
C VAL D 14 16.29 17.83 -2.38
N ALA D 15 17.29 18.51 -1.83
CA ALA D 15 17.08 19.25 -0.59
C ALA D 15 15.96 20.29 -0.75
N ASN D 16 15.89 20.96 -1.90
CA ASN D 16 14.80 21.89 -2.13
C ASN D 16 13.47 21.16 -2.18
N GLU D 17 13.46 19.96 -2.77
CA GLU D 17 12.23 19.17 -2.78
C GLU D 17 11.85 18.73 -1.37
N VAL D 18 12.83 18.48 -0.51
CA VAL D 18 12.55 18.10 0.87
C VAL D 18 11.78 19.20 1.58
N ARG D 19 12.23 20.46 1.42
CA ARG D 19 11.57 21.57 2.09
C ARG D 19 10.14 21.73 1.65
N LYS D 20 9.84 21.36 0.40
CA LYS D 20 8.47 21.43 -0.10
C LYS D 20 7.57 20.36 0.50
N ALA D 21 8.13 19.24 0.96
CA ALA D 21 7.30 18.18 1.55
C ALA D 21 7.04 18.53 3.00
N SER D 22 5.90 19.19 3.25
CA SER D 22 5.60 19.66 4.61
C SER D 22 5.34 18.50 5.57
N LEU D 23 4.85 17.38 5.05
CA LEU D 23 4.52 16.22 5.89
C LEU D 23 5.75 15.64 6.59
N LEU D 24 6.93 15.74 5.98
CA LEU D 24 8.11 15.10 6.56
C LEU D 24 8.39 15.57 7.98
N GLY D 25 8.00 16.79 8.32
CA GLY D 25 8.24 17.28 9.67
C GLY D 25 8.26 18.79 9.69
N SER D 26 9.01 19.31 10.67
CA SER D 26 9.18 20.75 10.77
C SER D 26 10.00 21.29 9.60
N GLY D 27 9.90 22.59 9.38
CA GLY D 27 10.90 23.26 8.57
C GLY D 27 12.18 23.48 9.32
N ASP D 28 12.09 23.60 10.65
CA ASP D 28 13.27 23.86 11.47
C ASP D 28 14.11 22.59 11.64
N ASP D 29 13.50 21.48 12.04
CA ASP D 29 14.28 20.31 12.39
C ASP D 29 14.91 19.68 11.16
N VAL D 30 14.15 19.56 10.07
CA VAL D 30 14.69 18.97 8.85
C VAL D 30 15.79 19.86 8.27
N GLU D 31 15.66 21.18 8.45
CA GLU D 31 16.60 22.12 7.87
C GLU D 31 18.00 21.91 8.43
N SER D 32 18.11 21.59 9.72
CA SER D 32 19.43 21.36 10.30
C SER D 32 20.05 20.07 9.77
N ILE D 33 19.22 19.07 9.46
CA ILE D 33 19.72 17.84 8.87
C ILE D 33 20.23 18.10 7.45
N LEU D 34 19.47 18.87 6.67
CA LEU D 34 19.89 19.17 5.30
C LEU D 34 21.18 19.98 5.29
N ALA D 35 21.30 20.96 6.18
CA ALA D 35 22.51 21.79 6.22
C ALA D 35 23.72 20.93 6.55
N ARG D 36 23.61 20.06 7.55
CA ARG D 36 24.74 19.21 7.89
C ARG D 36 25.08 18.26 6.75
N THR D 37 24.06 17.71 6.08
CA THR D 37 24.30 16.82 4.95
C THR D 37 25.02 17.55 3.82
N GLN D 38 24.63 18.79 3.54
CA GLN D 38 25.30 19.55 2.49
C GLN D 38 26.78 19.75 2.81
N ALA D 39 27.10 20.12 4.05
CA ALA D 39 28.49 20.36 4.41
C ALA D 39 29.32 19.08 4.26
N PHE D 40 28.77 17.95 4.69
CA PHE D 40 29.52 16.69 4.63
C PHE D 40 29.85 16.32 3.19
N LEU D 41 28.91 16.52 2.25
CA LEU D 41 29.18 16.16 0.86
C LEU D 41 30.27 17.03 0.27
N GLU D 42 30.19 18.34 0.52
CA GLU D 42 31.21 19.24 -0.01
C GLU D 42 32.57 18.97 0.62
N GLU D 43 32.61 18.63 1.90
CA GLU D 43 33.90 18.29 2.51
C GLU D 43 34.39 16.91 2.12
N GLY D 44 33.61 16.15 1.35
CA GLY D 44 34.03 14.81 0.97
C GLY D 44 33.80 13.75 2.01
N ASP D 45 33.01 14.04 3.03
CA ASP D 45 32.71 13.09 4.09
C ASP D 45 31.44 12.32 3.72
N LEU D 46 31.59 11.47 2.71
CA LEU D 46 30.44 10.70 2.22
C LEU D 46 29.82 9.85 3.32
N ASP D 47 30.66 9.25 4.17
CA ASP D 47 30.14 8.39 5.24
C ASP D 47 29.18 9.15 6.15
N ASN D 48 29.61 10.31 6.67
CA ASN D 48 28.77 11.07 7.57
C ASN D 48 27.56 11.65 6.84
N ALA D 49 27.71 12.06 5.58
CA ALA D 49 26.57 12.55 4.83
C ALA D 49 25.50 11.47 4.71
N ALA D 50 25.90 10.23 4.41
CA ALA D 50 24.94 9.14 4.34
C ALA D 50 24.30 8.89 5.70
N ARG D 51 25.12 8.81 6.75
CA ARG D 51 24.57 8.65 8.09
C ARG D 51 23.60 9.76 8.43
N GLU D 52 23.96 11.01 8.07
CA GLU D 52 23.09 12.14 8.36
C GLU D 52 21.78 12.04 7.59
N MET D 53 21.85 11.64 6.32
CA MET D 53 20.65 11.53 5.50
C MET D 53 19.68 10.49 6.05
N ASN D 54 20.18 9.51 6.80
CA ASN D 54 19.32 8.45 7.31
C ASN D 54 18.23 9.00 8.23
N ALA D 55 18.50 10.11 8.92
CA ALA D 55 17.50 10.68 9.82
C ALA D 55 16.20 10.98 9.09
N LEU D 56 16.27 11.26 7.80
CA LEU D 56 15.08 11.63 7.04
C LEU D 56 14.40 10.45 6.36
N THR D 57 15.10 9.31 6.21
CA THR D 57 14.54 8.19 5.46
C THR D 57 14.27 6.94 6.29
N GLY D 58 15.03 6.69 7.35
CA GLY D 58 14.86 5.46 8.09
C GLY D 58 13.49 5.38 8.73
N TRP D 59 12.90 4.18 8.67
CA TRP D 59 11.57 4.00 9.26
C TRP D 59 11.62 4.06 10.78
N SER D 60 12.71 3.57 11.39
CA SER D 60 12.85 3.66 12.84
C SER D 60 13.02 5.11 13.29
N LYS D 61 13.64 5.94 12.46
CA LYS D 61 13.99 7.30 12.85
C LYS D 61 12.76 8.08 13.29
N THR D 62 12.97 9.04 14.20
CA THR D 62 11.86 9.81 14.76
C THR D 62 11.06 10.51 13.67
N LEU D 63 11.74 11.05 12.66
CA LEU D 63 11.04 11.82 11.62
C LEU D 63 10.06 10.94 10.85
N SER D 64 10.47 9.72 10.52
CA SER D 64 9.58 8.82 9.78
C SER D 64 8.43 8.31 10.65
N ARG D 65 8.67 8.12 11.95
CA ARG D 65 7.57 7.67 12.82
C ARG D 65 6.46 8.70 12.89
N ASP D 66 6.82 9.99 12.94
CA ASP D 66 5.82 11.04 13.07
C ASP D 66 4.93 11.12 11.85
N TRP D 67 5.51 11.18 10.65
CA TRP D 67 4.68 11.32 9.46
C TRP D 67 3.94 10.02 9.16
N LEU D 68 4.55 8.88 9.48
CA LEU D 68 3.81 7.62 9.37
C LEU D 68 2.62 7.61 10.31
N ALA D 69 2.79 8.15 11.51
CA ALA D 69 1.69 8.22 12.47
C ALA D 69 0.55 9.08 11.93
N GLU D 70 0.87 10.23 11.34
CA GLU D 70 -0.17 11.08 10.78
C GLU D 70 -0.94 10.36 9.68
N VAL D 71 -0.23 9.64 8.81
CA VAL D 71 -0.87 8.90 7.73
C VAL D 71 -1.82 7.85 8.32
N ARG D 72 -1.36 7.14 9.34
CA ARG D 72 -2.22 6.16 10.01
C ARG D 72 -3.49 6.82 10.53
N LYS D 73 -3.35 7.93 11.26
CA LYS D 73 -4.51 8.63 11.80
C LYS D 73 -5.51 8.96 10.71
N VAL D 74 -5.05 9.60 9.63
CA VAL D 74 -5.97 10.02 8.57
C VAL D 74 -6.68 8.82 7.98
N LEU D 75 -5.96 7.71 7.79
CA LEU D 75 -6.58 6.51 7.26
C LEU D 75 -7.61 5.93 8.23
N GLU D 76 -7.28 5.90 9.52
CA GLU D 76 -8.21 5.35 10.50
C GLU D 76 -9.51 6.15 10.56
N VAL D 77 -9.40 7.47 10.64
CA VAL D 77 -10.61 8.29 10.66
C VAL D 77 -11.39 8.09 9.37
N ARG D 78 -10.69 7.94 8.25
CA ARG D 78 -11.36 7.71 6.98
C ARG D 78 -12.20 6.44 7.03
N GLN D 79 -11.64 5.36 7.55
CA GLN D 79 -12.41 4.12 7.67
C GLN D 79 -13.57 4.28 8.64
N ALA D 80 -13.34 4.99 9.74
CA ALA D 80 -14.40 5.24 10.70
C ALA D 80 -15.51 6.08 10.08
N LEU D 81 -15.15 7.06 9.26
CA LEU D 81 -16.15 7.90 8.62
C LEU D 81 -16.98 7.10 7.62
N GLU D 82 -16.33 6.20 6.87
CA GLU D 82 -17.05 5.42 5.88
C GLU D 82 -18.02 4.43 6.53
N VAL D 83 -17.67 3.91 7.71
CA VAL D 83 -18.57 3.00 8.41
C VAL D 83 -19.83 3.74 8.85
N ILE D 84 -19.68 4.94 9.40
CA ILE D 84 -20.85 5.73 9.79
C ILE D 84 -21.66 6.12 8.55
N GLN D 85 -20.97 6.49 7.48
CA GLN D 85 -21.64 6.86 6.25
C GLN D 85 -22.44 5.68 5.70
N ALA D 86 -21.84 4.49 5.68
CA ALA D 86 -22.58 3.31 5.24
C ALA D 86 -23.70 2.98 6.21
N GLU D 87 -23.47 3.18 7.51
CA GLU D 87 -24.52 2.93 8.50
C GLU D 87 -25.70 3.87 8.30
N ALA D 88 -25.43 5.14 7.98
CA ALA D 88 -26.51 6.10 7.76
C ALA D 88 -27.34 5.71 6.55
N ARG D 89 -26.70 5.38 5.43
CA ARG D 89 -27.45 4.99 4.24
C ARG D 89 -28.26 3.72 4.47
N LEU D 90 -27.67 2.75 5.18
CA LEU D 90 -28.41 1.53 5.52
C LEU D 90 -29.63 1.86 6.36
N GLN D 91 -29.45 2.71 7.37
CA GLN D 91 -30.56 3.12 8.23
C GLN D 91 -31.55 4.00 7.47
N SER D 92 -31.09 4.68 6.42
CA SER D 92 -31.98 5.49 5.59
C SER D 92 -33.07 4.62 4.97
N LEU D 93 -32.71 3.38 4.60
CA LEU D 93 -33.67 2.43 4.03
C LEU D 93 -34.52 1.85 5.15
N ARG D 94 -35.40 2.69 5.70
CA ARG D 94 -36.29 2.23 6.76
C ARG D 94 -37.32 1.23 6.23
N LEU D 95 -37.94 1.54 5.10
CA LEU D 95 -38.93 0.65 4.51
C LEU D 95 -40.08 0.39 5.49
N SER D 100 -42.77 -5.33 6.69
CA SER D 100 -43.17 -6.62 6.16
C SER D 100 -41.97 -7.34 5.53
N ARG D 101 -40.78 -6.77 5.69
CA ARG D 101 -39.58 -7.32 5.09
C ARG D 101 -38.42 -7.21 6.08
N PRO D 102 -37.73 -8.33 6.37
CA PRO D 102 -36.55 -8.27 7.24
C PRO D 102 -35.29 -7.89 6.47
N LEU D 103 -34.17 -7.75 7.18
CA LEU D 103 -32.96 -7.39 6.45
C LEU D 103 -32.20 -8.65 6.05
N PRO D 104 -31.61 -8.64 4.86
CA PRO D 104 -30.89 -9.83 4.39
C PRO D 104 -29.81 -10.23 5.39
N GLU D 105 -29.62 -11.54 5.54
CA GLU D 105 -28.63 -12.03 6.50
C GLU D 105 -27.23 -11.54 6.13
N SER D 106 -26.94 -11.41 4.84
CA SER D 106 -25.64 -10.95 4.41
C SER D 106 -25.37 -9.52 4.89
N VAL D 107 -26.38 -8.66 4.82
CA VAL D 107 -26.22 -7.28 5.24
C VAL D 107 -26.00 -7.21 6.75
N GLU D 108 -26.84 -7.89 7.52
CA GLU D 108 -26.70 -7.83 8.97
C GLU D 108 -25.45 -8.57 9.44
N LYS D 109 -25.18 -9.75 8.87
CA LYS D 109 -23.96 -10.46 9.23
C LYS D 109 -22.73 -9.62 8.95
N ALA D 110 -22.73 -8.88 7.83
CA ALA D 110 -21.61 -8.00 7.54
C ALA D 110 -21.50 -6.91 8.60
N ARG D 111 -22.62 -6.27 8.95
CA ARG D 111 -22.58 -5.24 9.98
C ARG D 111 -22.02 -5.79 11.28
N SER D 112 -22.39 -7.02 11.64
CA SER D 112 -21.86 -7.61 12.87
C SER D 112 -20.37 -7.90 12.75
N GLU D 113 -19.91 -8.27 11.55
CA GLU D 113 -18.48 -8.52 11.37
C GLU D 113 -17.65 -7.28 11.60
N VAL D 114 -18.11 -6.13 11.11
CA VAL D 114 -17.34 -4.90 11.31
C VAL D 114 -17.27 -4.56 12.79
N VAL D 115 -18.39 -4.72 13.50
CA VAL D 115 -18.40 -4.47 14.94
C VAL D 115 -17.52 -5.50 15.65
N ARG D 116 -17.77 -6.79 15.38
CA ARG D 116 -16.97 -7.85 15.99
C ARG D 116 -15.48 -7.68 15.70
N CYS D 117 -15.13 -7.11 14.54
CA CYS D 117 -13.73 -6.92 14.21
C CYS D 117 -13.15 -5.70 14.93
N LEU D 118 -13.90 -4.59 14.94
CA LEU D 118 -13.39 -3.37 15.55
C LEU D 118 -13.13 -3.57 17.03
N ARG D 119 -13.98 -4.34 17.71
CA ARG D 119 -13.74 -4.66 19.12
C ARG D 119 -12.50 -5.52 19.30
N GLU D 120 -12.29 -6.49 18.40
CA GLU D 120 -11.12 -7.34 18.51
C GLU D 120 -9.83 -6.60 18.20
N HIS D 121 -9.89 -5.61 17.31
CA HIS D 121 -8.70 -4.83 16.96
C HIS D 121 -8.92 -3.36 17.30
N ASP D 122 -9.14 -3.08 18.58
CA ASP D 122 -9.43 -1.71 19.01
C ASP D 122 -8.23 -0.79 18.75
N ARG D 123 -7.01 -1.30 18.92
CA ARG D 123 -5.83 -0.45 18.76
C ARG D 123 -5.57 -0.13 17.29
N ARG D 124 -5.72 -1.12 16.41
CA ARG D 124 -5.31 -1.06 15.02
C ARG D 124 -6.57 -1.30 14.19
N PRO D 125 -7.45 -0.31 14.04
CA PRO D 125 -8.71 -0.59 13.32
C PRO D 125 -8.51 -0.94 11.86
N LEU D 126 -7.37 -0.61 11.27
CA LEU D 126 -7.15 -0.92 9.86
C LEU D 126 -7.11 -2.41 9.57
N ASN D 127 -6.95 -3.25 10.60
CA ASN D 127 -7.05 -4.69 10.40
C ASN D 127 -8.45 -5.11 9.97
N CYS D 128 -9.40 -4.18 9.94
CA CYS D 128 -10.78 -4.47 9.55
C CYS D 128 -11.16 -3.80 8.24
N TRP D 129 -10.17 -3.45 7.42
CA TRP D 129 -10.46 -2.75 6.17
C TRP D 129 -11.30 -3.62 5.25
N GLN D 130 -11.02 -4.92 5.20
CA GLN D 130 -11.80 -5.82 4.35
C GLN D 130 -13.24 -5.95 4.86
N GLU D 131 -13.42 -6.11 6.17
CA GLU D 131 -14.78 -6.22 6.69
C GLU D 131 -15.58 -4.94 6.42
N VAL D 132 -14.92 -3.78 6.50
CA VAL D 132 -15.61 -2.54 6.18
C VAL D 132 -15.98 -2.50 4.70
N GLU D 133 -15.08 -2.96 3.83
CA GLU D 133 -15.39 -3.01 2.41
C GLU D 133 -16.57 -3.93 2.14
N ALA D 134 -16.56 -5.11 2.78
CA ALA D 134 -17.69 -6.03 2.64
C ALA D 134 -18.98 -5.38 3.12
N PHE D 135 -18.91 -4.63 4.22
CA PHE D 135 -20.10 -3.93 4.70
C PHE D 135 -20.56 -2.88 3.70
N LYS D 136 -19.62 -2.14 3.13
CA LYS D 136 -19.98 -1.13 2.14
C LYS D 136 -20.60 -1.77 0.90
N GLU D 137 -20.06 -2.90 0.45
CA GLU D 137 -20.59 -3.54 -0.74
C GLU D 137 -22.01 -4.06 -0.52
N GLU D 138 -22.32 -4.53 0.69
CA GLU D 138 -23.68 -4.98 0.98
C GLU D 138 -24.65 -3.81 0.97
N VAL D 139 -24.26 -2.67 1.53
CA VAL D 139 -25.16 -1.52 1.53
C VAL D 139 -25.39 -1.02 0.12
N ARG D 140 -24.33 -1.00 -0.71
CA ARG D 140 -24.51 -0.63 -2.10
C ARG D 140 -25.44 -1.60 -2.83
N LYS D 141 -25.45 -2.87 -2.39
CA LYS D 141 -26.34 -3.85 -3.00
C LYS D 141 -27.79 -3.60 -2.58
N LEU D 142 -28.01 -3.24 -1.32
CA LEU D 142 -29.37 -2.97 -0.87
C LEU D 142 -29.99 -1.83 -1.67
N GLU D 143 -29.21 -0.81 -2.01
CA GLU D 143 -29.74 0.29 -2.79
C GLU D 143 -30.27 -0.19 -4.13
N LYS D 144 -29.62 -1.18 -4.73
CA LYS D 144 -30.00 -1.65 -6.05
C LYS D 144 -29.43 -3.04 -6.30
N GLY D 145 -30.17 -3.82 -7.08
CA GLY D 145 -29.72 -5.15 -7.49
C GLY D 145 -29.34 -6.08 -6.37
N TRP D 146 -30.31 -6.46 -5.55
CA TRP D 146 -30.07 -7.42 -4.48
C TRP D 146 -30.72 -8.77 -4.82
O1 PG4 E . 3.56 0.15 -4.27
C1 PG4 E . 2.34 0.35 -4.92
C2 PG4 E . 2.26 -0.58 -6.13
O2 PG4 E . 2.53 -1.89 -5.72
C3 PG4 E . 1.83 -2.87 -6.44
C4 PG4 E . 1.92 -4.20 -5.69
O3 PG4 E . 1.59 -4.00 -4.35
C5 PG4 E . 2.11 -4.97 -3.49
C6 PG4 E . 1.50 -4.80 -2.09
O4 PG4 E . 0.12 -4.89 -2.18
C7 PG4 E . -0.51 -5.19 -0.96
C8 PG4 E . -2.01 -5.04 -1.09
O5 PG4 E . -2.47 -5.84 -2.15
HO1 PG4 E . 3.57 0.60 -3.55
H11 PG4 E . 1.61 0.15 -4.32
H12 PG4 E . 2.28 1.27 -5.22
H21 PG4 E . 1.37 -0.54 -6.51
H22 PG4 E . 2.91 -0.31 -6.79
H31 PG4 E . 0.90 -2.60 -6.51
H32 PG4 E . 2.21 -2.96 -7.32
H41 PG4 E . 1.31 -4.84 -6.10
H42 PG4 E . 2.83 -4.54 -5.76
H51 PG4 E . 1.88 -5.85 -3.82
H52 PG4 E . 3.07 -4.87 -3.44
H61 PG4 E . 1.84 -5.50 -1.51
H62 PG4 E . 1.76 -3.93 -1.74
H71 PG4 E . -0.29 -6.10 -0.70
H72 PG4 E . -0.18 -4.59 -0.28
H81 PG4 E . -2.45 -5.33 -0.27
H82 PG4 E . -2.23 -4.11 -1.27
HO5 PG4 E . -3.30 -5.68 -2.29
O1 PG4 F . 3.20 -0.15 5.08
C1 PG4 F . 4.17 -0.87 4.37
C2 PG4 F . 3.96 -2.35 4.67
O2 PG4 F . 4.75 -3.13 3.83
C3 PG4 F . 5.67 -3.92 4.52
C4 PG4 F . 7.08 -3.59 4.05
O3 PG4 F . 7.07 -2.36 3.36
C5 PG4 F . 8.07 -1.49 3.79
C6 PG4 F . 9.02 -1.21 2.63
O4 PG4 F . 8.26 -1.07 1.46
C7 PG4 F . 8.98 -0.54 0.39
C8 PG4 F . 8.02 -0.01 -0.66
O5 PG4 F . 7.82 1.36 -0.49
HO1 PG4 F . 3.29 0.68 4.90
H11 PG4 F . 4.07 -0.72 3.42
H12 PG4 F . 5.06 -0.61 4.65
H21 PG4 F . 4.20 -2.54 5.60
H22 PG4 F . 3.02 -2.58 4.53
H31 PG4 F . 5.59 -3.74 5.47
H32 PG4 F . 5.49 -4.86 4.36
H41 PG4 F . 7.67 -3.52 4.82
H42 PG4 F . 7.39 -4.28 3.45
H51 PG4 F . 7.67 -0.66 4.09
H52 PG4 F . 8.57 -1.90 4.52
H61 PG4 F . 9.51 -0.39 2.79
H62 PG4 F . 9.64 -1.95 2.52
H71 PG4 F . 9.54 0.18 0.70
H72 PG4 F . 9.54 -1.23 0.01
H81 PG4 F . 8.39 -0.18 -1.55
H82 PG4 F . 7.16 -0.48 -0.58
HO5 PG4 F . 7.26 1.65 -1.05
O1 PG4 G . -0.26 5.96 2.17
C1 PG4 G . 0.64 4.98 1.72
C2 PG4 G . 1.69 4.74 2.79
O2 PG4 G . 1.06 4.48 4.01
C3 PG4 G . 1.00 3.13 4.34
C4 PG4 G . 1.35 2.96 5.82
O3 PG4 G . 0.28 2.34 6.48
C5 PG4 G . 0.38 2.46 7.86
C6 PG4 G . -0.36 1.30 8.54
O4 PG4 G . -0.25 0.15 7.75
C7 PG4 G . -0.59 -1.02 8.43
C8 PG4 G . -1.30 -1.97 7.47
O5 PG4 G . -1.45 -3.22 8.09
HO1 PG4 G . -0.81 6.16 1.55
H11 PG4 G . 0.15 4.16 1.55
H12 PG4 G . 1.06 5.28 0.90
H21 PG4 G . 2.23 3.97 2.54
H22 PG4 G . 2.26 5.52 2.87
H31 PG4 G . 0.11 2.79 4.18
H32 PG4 G . 1.64 2.64 3.80
H41 PG4 G . 2.15 2.41 5.91
H42 PG4 G . 1.51 3.83 6.22
H51 PG4 G . 1.30 2.45 8.13
H52 PG4 G . -0.03 3.30 8.14
H61 PG4 G . 0.03 1.14 9.41
H62 PG4 G . -1.30 1.54 8.64
H71 PG4 G . 0.23 -1.44 8.76
H72 PG4 G . -1.18 -0.81 9.17
H81 PG4 G . -2.17 -1.61 7.25
H82 PG4 G . -0.77 -2.07 6.67
HO5 PG4 G . -1.75 -3.78 7.52
#